data_6P77
#
_entry.id   6P77
#
_cell.length_a   159.260
_cell.length_b   159.260
_cell.length_c   159.260
_cell.angle_alpha   90.00
_cell.angle_beta   90.00
_cell.angle_gamma   90.00
#
_symmetry.space_group_name_H-M   'I 2 3'
#
loop_
_entity.id
_entity.type
_entity.pdbx_description
1 polymer 'Aromatic-ring-hydroxylating dioxygenase beta subunit'
2 non-polymer GLYCEROL
3 non-polymer 'TRIETHYLENE GLYCOL'
4 non-polymer 'TETRAETHYLENE GLYCOL'
5 water water
#
_entity_poly.entity_id   1
_entity_poly.type   'polypeptide(L)'
_entity_poly.pdbx_seq_one_letter_code
;HWSQAALYAEVQQHQARQ(MSE)HALDEGKFEEYADTFTPDGVFRHTPGRDPAIGREAIVRELNEFHERYAEDPVQRRH
(MSE)FT(MSE)LAIDELDELDDSAVQADFYTLVLTTRVDGLTVGPSCPVRDVLVRGADGRLLTASRWVEHDNRTVAE
;
_entity_poly.pdbx_strand_id   A,B
#
# COMPACT_ATOMS: atom_id res chain seq x y z
N HIS A 1 28.25 17.25 9.07
CA HIS A 1 27.03 17.56 9.86
C HIS A 1 26.65 16.41 10.80
N TRP A 2 26.25 16.81 12.00
CA TRP A 2 25.78 15.91 13.04
C TRP A 2 24.47 15.24 12.58
N SER A 3 23.64 15.95 11.80
CA SER A 3 22.38 15.41 11.25
C SER A 3 22.56 14.32 10.18
N GLN A 4 23.52 14.52 9.28
CA GLN A 4 23.93 13.53 8.28
C GLN A 4 24.34 12.24 9.01
N ALA A 5 25.19 12.41 10.04
CA ALA A 5 25.68 11.28 10.81
C ALA A 5 24.53 10.59 11.50
N ALA A 6 23.65 11.39 12.12
CA ALA A 6 22.50 10.84 12.81
C ALA A 6 21.63 10.05 11.85
N LEU A 7 21.46 10.57 10.62
CA LEU A 7 20.66 9.87 9.61
C LEU A 7 21.28 8.51 9.23
N TYR A 8 22.60 8.49 9.12
CA TYR A 8 23.32 7.27 8.77
C TYR A 8 23.05 6.13 9.80
N ALA A 9 23.17 6.47 11.08
CA ALA A 9 22.89 5.55 12.20
C ALA A 9 21.43 5.14 12.18
N GLU A 10 20.58 6.11 11.91
CA GLU A 10 19.16 5.84 11.85
C GLU A 10 18.83 4.77 10.77
N VAL A 11 19.47 4.88 9.61
CA VAL A 11 19.20 3.95 8.53
C VAL A 11 19.71 2.56 8.94
N GLN A 12 20.89 2.50 9.56
CA GLN A 12 21.46 1.23 10.03
C GLN A 12 20.50 0.55 11.02
N GLN A 13 19.98 1.33 11.99
CA GLN A 13 19.03 0.83 12.99
C GLN A 13 17.76 0.29 12.32
N HIS A 14 17.19 1.07 11.39
CA HIS A 14 16.03 0.72 10.63
C HIS A 14 16.22 -0.64 9.89
N GLN A 15 17.31 -0.74 9.13
CA GLN A 15 17.63 -1.91 8.35
C GLN A 15 17.80 -3.15 9.23
N ALA A 16 18.53 -2.99 10.34
CA ALA A 16 18.73 -4.08 11.28
C ALA A 16 17.38 -4.64 11.78
N ARG A 17 16.50 -3.75 12.27
CA ARG A 17 15.23 -4.14 12.83
C ARG A 17 14.36 -4.84 11.77
N GLN A 18 14.39 -4.34 10.52
CA GLN A 18 13.72 -4.96 9.41
C GLN A 18 14.15 -6.43 9.28
N HIS A 20 15.82 -8.33 11.51
CA HIS A 20 15.48 -9.10 12.70
C HIS A 20 14.04 -9.66 12.58
N ALA A 21 13.12 -8.86 12.04
CA ALA A 21 11.74 -9.28 11.89
C ALA A 21 11.62 -10.38 10.82
N LEU A 22 12.19 -10.09 9.64
CA LEU A 22 12.18 -10.98 8.48
C LEU A 22 12.76 -12.37 8.76
N ASP A 23 13.98 -12.37 9.31
CA ASP A 23 14.73 -13.57 9.58
C ASP A 23 14.02 -14.45 10.59
N GLU A 24 13.21 -13.84 11.46
CA GLU A 24 12.49 -14.59 12.49
C GLU A 24 11.08 -14.93 12.04
N GLY A 25 10.77 -14.70 10.76
CA GLY A 25 9.47 -15.04 10.19
C GLY A 25 8.31 -14.13 10.54
N LYS A 26 8.60 -12.93 11.06
CA LYS A 26 7.61 -11.92 11.34
C LYS A 26 7.37 -11.05 10.10
N PHE A 27 6.70 -11.65 9.11
CA PHE A 27 6.44 -11.03 7.82
C PHE A 27 5.56 -9.74 7.84
N GLU A 28 4.52 -9.74 8.68
CA GLU A 28 3.68 -8.53 8.87
C GLU A 28 4.50 -7.40 9.39
N GLU A 29 5.32 -7.68 10.40
CA GLU A 29 6.21 -6.69 11.01
C GLU A 29 7.15 -6.12 9.95
N TYR A 30 7.75 -7.00 9.16
CA TYR A 30 8.65 -6.55 8.12
C TYR A 30 7.92 -5.62 7.13
N ALA A 31 6.71 -6.03 6.74
CA ALA A 31 5.94 -5.30 5.74
C ALA A 31 5.57 -3.91 6.25
N ASP A 32 5.33 -3.83 7.57
CA ASP A 32 4.98 -2.57 8.22
C ASP A 32 6.12 -1.56 8.27
N THR A 33 7.34 -2.02 7.96
CA THR A 33 8.47 -1.12 7.86
C THR A 33 8.60 -0.47 6.48
N PHE A 34 7.74 -0.89 5.54
CA PHE A 34 7.64 -0.27 4.21
C PHE A 34 6.49 0.73 4.23
N THR A 35 6.49 1.67 3.28
CA THR A 35 5.33 2.50 3.03
C THR A 35 4.14 1.65 2.56
N PRO A 36 2.89 2.07 2.81
CA PRO A 36 1.72 1.36 2.29
C PRO A 36 1.72 1.09 0.77
N ASP A 37 2.50 1.88 0.01
CA ASP A 37 2.71 1.68 -1.42
C ASP A 37 4.12 1.21 -1.73
N GLY A 38 4.76 0.54 -0.76
CA GLY A 38 6.15 0.15 -0.92
C GLY A 38 6.39 -0.85 -2.05
N VAL A 39 7.52 -0.67 -2.75
CA VAL A 39 8.00 -1.56 -3.80
C VAL A 39 9.12 -2.46 -3.27
N PHE A 40 8.93 -3.78 -3.40
CA PHE A 40 9.88 -4.80 -2.94
C PHE A 40 10.20 -5.72 -4.13
N ARG A 41 11.32 -5.41 -4.80
CA ARG A 41 11.86 -6.21 -5.91
C ARG A 41 12.97 -7.12 -5.39
N HIS A 42 12.57 -8.28 -4.87
CA HIS A 42 13.46 -9.21 -4.20
C HIS A 42 14.30 -10.04 -5.19
N THR A 43 13.73 -10.32 -6.37
CA THR A 43 14.36 -11.21 -7.31
C THR A 43 14.35 -10.71 -8.76
N PRO A 44 15.53 -10.56 -9.39
CA PRO A 44 15.61 -10.16 -10.80
C PRO A 44 14.78 -11.10 -11.66
N GLY A 45 14.12 -10.55 -12.69
CA GLY A 45 13.26 -11.31 -13.57
C GLY A 45 11.82 -11.38 -13.10
N ARG A 46 11.62 -11.34 -11.77
CA ARG A 46 10.29 -11.31 -11.17
C ARG A 46 9.80 -9.91 -10.81
N ASP A 47 8.52 -9.65 -11.10
CA ASP A 47 7.87 -8.38 -10.78
C ASP A 47 7.89 -8.13 -9.28
N PRO A 48 8.05 -6.84 -8.86
CA PRO A 48 8.05 -6.53 -7.43
C PRO A 48 6.68 -6.75 -6.77
N ALA A 49 6.69 -7.10 -5.49
CA ALA A 49 5.57 -6.95 -4.63
C ALA A 49 5.43 -5.42 -4.33
N ILE A 50 4.21 -4.91 -4.53
CA ILE A 50 3.89 -3.52 -4.29
C ILE A 50 2.75 -3.51 -3.27
N GLY A 51 3.02 -2.88 -2.12
CA GLY A 51 2.08 -2.82 -1.04
C GLY A 51 2.35 -3.88 0.00
N ARG A 52 1.91 -3.60 1.23
CA ARG A 52 2.18 -4.43 2.39
C ARG A 52 1.56 -5.80 2.32
N GLU A 53 0.33 -5.89 1.84
CA GLU A 53 -0.35 -7.17 1.71
C GLU A 53 0.36 -8.05 0.69
N ALA A 54 0.78 -7.47 -0.44
CA ALA A 54 1.56 -8.18 -1.45
C ALA A 54 2.91 -8.67 -0.93
N ILE A 55 3.57 -7.89 -0.08
CA ILE A 55 4.85 -8.27 0.47
C ILE A 55 4.64 -9.48 1.39
N VAL A 56 3.62 -9.41 2.24
CA VAL A 56 3.31 -10.49 3.18
C VAL A 56 2.93 -11.78 2.44
N ARG A 57 2.04 -11.64 1.45
CA ARG A 57 1.64 -12.74 0.56
C ARG A 57 2.84 -13.38 -0.17
N GLU A 58 3.72 -12.54 -0.73
CA GLU A 58 4.90 -12.96 -1.47
C GLU A 58 5.81 -13.78 -0.55
N LEU A 59 6.05 -13.27 0.67
CA LEU A 59 6.87 -13.95 1.66
C LEU A 59 6.26 -15.29 2.06
N ASN A 60 4.93 -15.34 2.28
CA ASN A 60 4.22 -16.56 2.59
C ASN A 60 4.37 -17.62 1.48
N GLU A 61 4.16 -17.22 0.22
CA GLU A 61 4.27 -18.12 -0.93
C GLU A 61 5.69 -18.68 -1.05
N PHE A 62 6.70 -17.83 -0.83
CA PHE A 62 8.10 -18.24 -0.87
C PHE A 62 8.48 -19.19 0.30
N HIS A 63 7.97 -18.92 1.50
CA HIS A 63 8.14 -19.80 2.65
C HIS A 63 7.47 -21.17 2.42
N GLU A 64 6.33 -21.19 1.70
CA GLU A 64 5.63 -22.44 1.39
C GLU A 64 6.39 -23.34 0.38
N ARG A 65 7.00 -22.74 -0.64
CA ARG A 65 7.83 -23.46 -1.61
C ARG A 65 9.17 -23.96 -1.03
N TYR A 66 9.76 -23.19 -0.10
CA TYR A 66 11.13 -23.45 0.40
C TYR A 66 11.38 -23.34 1.94
N ALA A 67 10.43 -23.75 2.79
CA ALA A 67 10.67 -23.88 4.25
C ALA A 67 9.45 -24.33 5.04
N PRO A 70 12.84 -26.41 7.57
CA PRO A 70 13.60 -26.48 8.86
C PRO A 70 14.94 -25.74 8.75
N VAL A 71 14.85 -24.42 8.70
CA VAL A 71 15.85 -23.56 8.17
C VAL A 71 15.85 -22.22 8.95
N GLN A 72 17.04 -21.62 9.09
CA GLN A 72 17.21 -20.30 9.64
C GLN A 72 18.09 -19.47 8.70
N ARG A 73 17.51 -18.40 8.19
CA ARG A 73 18.16 -17.47 7.30
C ARG A 73 18.59 -16.24 8.11
N ARG A 74 19.75 -15.67 7.76
CA ARG A 74 20.23 -14.39 8.29
C ARG A 74 20.67 -13.53 7.12
N HIS A 75 20.24 -12.27 7.09
CA HIS A 75 20.73 -11.30 6.11
C HIS A 75 21.67 -10.32 6.80
N PHE A 77 23.96 -6.96 6.17
CA PHE A 77 24.23 -5.76 5.40
C PHE A 77 25.59 -5.16 5.73
N THR A 78 26.32 -4.74 4.72
CA THR A 78 27.56 -4.00 4.86
C THR A 78 27.61 -2.96 3.73
N LEU A 80 27.16 0.46 3.56
CA LEU A 80 26.10 1.42 3.41
C LEU A 80 26.66 2.78 2.99
N ALA A 81 26.10 3.31 1.89
CA ALA A 81 26.33 4.68 1.43
C ALA A 81 24.98 5.31 1.19
N ILE A 82 24.75 6.49 1.79
CA ILE A 82 23.50 7.19 1.61
C ILE A 82 23.73 8.46 0.84
N ASP A 83 22.64 8.99 0.28
CA ASP A 83 22.64 10.17 -0.60
C ASP A 83 21.25 10.90 -0.57
N GLU A 84 21.23 12.19 -0.93
CA GLU A 84 19.99 12.96 -1.21
C GLU A 84 19.49 12.73 -2.64
N ASP A 90 14.88 16.61 -0.55
CA ASP A 90 14.86 17.26 0.76
C ASP A 90 14.09 16.45 1.82
N SER A 91 13.77 15.19 1.49
CA SER A 91 12.93 14.36 2.37
C SER A 91 12.86 12.85 2.05
N ALA A 92 13.43 12.41 0.92
CA ALA A 92 13.72 11.01 0.67
C ALA A 92 15.22 10.81 0.61
N VAL A 93 15.68 9.69 1.15
CA VAL A 93 17.09 9.33 1.14
C VAL A 93 17.26 7.99 0.39
N GLN A 94 18.30 7.95 -0.46
CA GLN A 94 18.67 6.76 -1.17
C GLN A 94 19.79 6.08 -0.40
N ALA A 95 19.74 4.76 -0.33
CA ALA A 95 20.72 3.95 0.38
C ALA A 95 21.20 2.81 -0.53
N ASP A 96 22.50 2.83 -0.83
CA ASP A 96 23.19 1.74 -1.50
C ASP A 96 24.02 0.91 -0.52
N PHE A 97 23.93 -0.41 -0.67
CA PHE A 97 24.57 -1.33 0.25
C PHE A 97 24.65 -2.74 -0.30
N TYR A 98 25.40 -3.58 0.43
CA TYR A 98 25.60 -4.97 0.12
C TYR A 98 24.87 -5.85 1.12
N THR A 99 24.30 -6.95 0.63
CA THR A 99 23.65 -7.95 1.44
C THR A 99 24.36 -9.27 1.19
N LEU A 100 24.63 -10.00 2.27
CA LEU A 100 25.10 -11.36 2.25
C LEU A 100 24.03 -12.24 2.95
N VAL A 101 23.49 -13.23 2.23
CA VAL A 101 22.57 -14.21 2.77
C VAL A 101 23.28 -15.40 3.37
N LEU A 102 22.87 -15.80 4.59
CA LEU A 102 23.34 -17.01 5.27
C LEU A 102 22.14 -17.88 5.59
N THR A 103 22.23 -19.18 5.28
CA THR A 103 21.15 -20.09 5.54
C THR A 103 21.71 -21.28 6.29
N THR A 104 21.22 -21.50 7.52
CA THR A 104 21.57 -22.65 8.31
C THR A 104 20.44 -23.67 8.16
N ARG A 105 20.84 -24.90 7.82
CA ARG A 105 19.98 -26.04 7.73
C ARG A 105 20.60 -27.17 8.51
N VAL A 106 19.84 -28.24 8.71
CA VAL A 106 20.33 -29.39 9.48
C VAL A 106 21.63 -29.99 8.91
N ASP A 107 21.78 -29.93 7.58
CA ASP A 107 23.02 -30.42 6.94
C ASP A 107 24.09 -29.37 6.70
N GLY A 108 23.85 -28.13 7.10
CA GLY A 108 24.96 -27.18 7.18
C GLY A 108 24.57 -25.77 6.90
N LEU A 109 25.58 -24.93 6.70
CA LEU A 109 25.41 -23.51 6.42
C LEU A 109 25.73 -23.28 4.93
N THR A 110 24.96 -22.41 4.29
CA THR A 110 25.13 -22.02 2.94
C THR A 110 25.44 -20.54 3.05
N VAL A 111 26.38 -20.09 2.21
CA VAL A 111 26.73 -18.68 2.13
C VAL A 111 26.43 -18.18 0.75
N GLY A 112 25.69 -17.09 0.65
CA GLY A 112 25.38 -16.49 -0.64
C GLY A 112 23.91 -16.68 -0.95
N PRO A 113 23.37 -15.96 -1.96
CA PRO A 113 24.15 -15.06 -2.79
C PRO A 113 24.53 -13.73 -2.12
N SER A 114 25.41 -12.98 -2.78
CA SER A 114 25.66 -11.60 -2.43
C SER A 114 24.82 -10.76 -3.38
N CYS A 115 24.22 -9.70 -2.82
CA CYS A 115 23.24 -8.87 -3.49
C CYS A 115 23.48 -7.38 -3.25
N PRO A 116 23.90 -6.62 -4.27
CA PRO A 116 23.84 -5.16 -4.17
C PRO A 116 22.36 -4.76 -4.10
N VAL A 117 22.04 -3.81 -3.22
CA VAL A 117 20.69 -3.35 -3.06
C VAL A 117 20.65 -1.84 -3.03
N ARG A 118 19.58 -1.28 -3.62
CA ARG A 118 19.23 0.11 -3.43
C ARG A 118 17.86 0.26 -2.72
N ASP A 119 17.84 0.99 -1.59
CA ASP A 119 16.64 1.34 -0.84
C ASP A 119 16.37 2.82 -1.02
N VAL A 120 15.09 3.19 -1.03
CA VAL A 120 14.68 4.57 -0.94
C VAL A 120 13.86 4.67 0.32
N LEU A 121 14.25 5.60 1.19
CA LEU A 121 13.65 5.75 2.50
C LEU A 121 12.99 7.12 2.61
N VAL A 122 11.82 7.14 3.27
CA VAL A 122 11.13 8.36 3.62
C VAL A 122 10.76 8.28 5.08
N ARG A 123 10.25 9.39 5.60
CA ARG A 123 9.80 9.50 6.99
C ARG A 123 8.26 9.50 7.05
N GLY A 124 7.68 8.57 7.82
CA GLY A 124 6.25 8.47 8.04
C GLY A 124 5.73 9.55 8.98
N ALA A 125 4.39 9.62 9.12
CA ALA A 125 3.72 10.66 9.91
C ALA A 125 4.20 10.82 11.35
N ASP A 126 4.66 9.71 11.98
CA ASP A 126 5.23 9.74 13.33
C ASP A 126 6.75 10.01 13.37
N GLY A 127 7.37 10.28 12.22
CA GLY A 127 8.79 10.58 12.16
C GLY A 127 9.75 9.42 11.99
N ARG A 128 9.24 8.18 12.07
CA ARG A 128 10.04 7.00 11.83
C ARG A 128 10.31 6.81 10.34
N LEU A 129 11.42 6.14 10.01
CA LEU A 129 11.75 5.81 8.64
C LEU A 129 10.87 4.69 8.15
N LEU A 130 10.48 4.78 6.88
CA LEU A 130 9.85 3.69 6.15
C LEU A 130 10.57 3.52 4.82
N THR A 131 10.58 2.26 4.34
CA THR A 131 11.18 1.90 3.08
C THR A 131 10.10 2.06 1.99
N ALA A 132 10.30 3.04 1.10
CA ALA A 132 9.42 3.25 -0.04
C ALA A 132 9.72 2.25 -1.16
N SER A 133 10.98 1.81 -1.24
CA SER A 133 11.45 1.00 -2.34
C SER A 133 12.68 0.19 -1.94
N ARG A 134 12.72 -1.09 -2.32
CA ARG A 134 13.87 -1.94 -2.11
C ARG A 134 14.10 -2.69 -3.40
N TRP A 135 15.25 -2.41 -4.04
CA TRP A 135 15.57 -2.97 -5.34
C TRP A 135 16.81 -3.84 -5.18
N VAL A 136 16.60 -5.16 -5.24
CA VAL A 136 17.63 -6.17 -5.00
C VAL A 136 18.15 -6.70 -6.32
N GLU A 137 19.48 -6.63 -6.51
CA GLU A 137 20.15 -7.31 -7.61
C GLU A 137 20.90 -8.53 -7.03
N HIS A 138 21.12 -9.58 -7.84
CA HIS A 138 21.84 -10.81 -7.43
C HIS A 138 23.12 -10.92 -8.24
N ASP A 139 24.26 -11.08 -7.56
CA ASP A 139 25.55 -11.14 -8.25
C ASP A 139 25.72 -12.37 -9.13
N ASN A 140 25.06 -13.48 -8.79
CA ASN A 140 25.01 -14.64 -9.69
C ASN A 140 24.30 -14.35 -11.01
N ARG A 141 23.21 -13.56 -10.96
CA ARG A 141 22.49 -13.15 -12.17
C ARG A 141 23.38 -12.28 -13.05
N THR A 142 24.07 -11.33 -12.42
CA THR A 142 25.04 -10.46 -13.08
C THR A 142 26.15 -11.24 -13.77
N VAL A 143 26.73 -12.21 -13.07
CA VAL A 143 27.80 -13.03 -13.62
C VAL A 143 27.23 -13.83 -14.78
N ALA A 144 26.05 -14.44 -14.59
CA ALA A 144 25.36 -15.17 -15.68
C ALA A 144 25.19 -14.38 -17.03
N GLU A 145 25.98 -14.81 -18.02
CA GLU A 145 26.13 -14.19 -19.36
C GLU A 145 27.10 -14.97 -20.28
N HIS B 1 -4.21 19.89 17.10
CA HIS B 1 -5.56 20.49 16.88
C HIS B 1 -5.69 21.21 15.54
N TRP B 2 -4.71 22.08 15.20
CA TRP B 2 -4.59 22.61 13.84
C TRP B 2 -4.34 21.47 12.83
N SER B 3 -3.59 20.45 13.25
CA SER B 3 -3.30 19.26 12.44
C SER B 3 -4.51 18.33 12.20
N GLN B 4 -5.33 18.13 13.21
CA GLN B 4 -6.59 17.40 13.11
C GLN B 4 -7.49 18.10 12.08
N ALA B 5 -7.58 19.42 12.17
CA ALA B 5 -8.36 20.20 11.23
C ALA B 5 -7.81 20.06 9.85
N ALA B 6 -6.48 20.19 9.74
CA ALA B 6 -5.82 20.08 8.45
C ALA B 6 -6.11 18.70 7.83
N LEU B 7 -6.09 17.66 8.66
CA LEU B 7 -6.36 16.29 8.21
C LEU B 7 -7.81 16.17 7.67
N TYR B 8 -8.76 16.80 8.37
CA TYR B 8 -10.15 16.76 7.97
C TYR B 8 -10.35 17.33 6.53
N ALA B 9 -9.74 18.48 6.25
CA ALA B 9 -9.77 19.13 4.95
C ALA B 9 -9.08 18.25 3.93
N GLU B 10 -7.96 17.67 4.35
CA GLU B 10 -7.22 16.80 3.47
C GLU B 10 -8.07 15.61 3.01
N VAL B 11 -8.83 15.01 3.93
CA VAL B 11 -9.64 13.85 3.60
C VAL B 11 -10.73 14.28 2.64
N GLN B 12 -11.36 15.44 2.90
CA GLN B 12 -12.40 15.97 2.00
C GLN B 12 -11.84 16.16 0.58
N GLN B 13 -10.65 16.78 0.47
CA GLN B 13 -10.00 17.02 -0.82
C GLN B 13 -9.73 15.68 -1.55
N HIS B 14 -9.15 14.72 -0.83
CA HIS B 14 -8.88 13.38 -1.33
C HIS B 14 -10.14 12.73 -1.91
N GLN B 15 -11.21 12.70 -1.09
CA GLN B 15 -12.46 12.09 -1.46
C GLN B 15 -13.08 12.74 -2.71
N ALA B 16 -13.07 14.07 -2.73
CA ALA B 16 -13.59 14.80 -3.87
C ALA B 16 -12.89 14.40 -5.15
N ARG B 17 -11.55 14.45 -5.15
CA ARG B 17 -10.76 14.14 -6.35
C ARG B 17 -10.98 12.70 -6.80
N GLN B 18 -11.08 11.76 -5.85
CA GLN B 18 -11.42 10.37 -6.15
C GLN B 18 -12.73 10.30 -6.94
N HIS B 20 -14.33 12.78 -8.55
CA HIS B 20 -14.20 13.46 -9.83
C HIS B 20 -13.62 12.51 -10.89
N ALA B 21 -12.67 11.67 -10.50
CA ALA B 21 -12.07 10.71 -11.42
C ALA B 21 -13.10 9.63 -11.81
N LEU B 22 -13.71 9.02 -10.78
CA LEU B 22 -14.68 7.94 -10.94
C LEU B 22 -15.88 8.32 -11.82
N ASP B 23 -16.52 9.44 -11.45
CA ASP B 23 -17.72 9.92 -12.12
C ASP B 23 -17.41 10.28 -13.58
N GLU B 24 -16.17 10.62 -13.90
CA GLU B 24 -15.81 10.98 -15.26
C GLU B 24 -15.24 9.79 -16.04
N GLY B 25 -15.35 8.59 -15.46
CA GLY B 25 -14.88 7.38 -16.11
C GLY B 25 -13.37 7.13 -16.14
N LYS B 26 -12.63 7.87 -15.32
CA LYS B 26 -11.20 7.70 -15.17
C LYS B 26 -10.87 6.64 -14.12
N PHE B 27 -11.15 5.38 -14.47
CA PHE B 27 -10.99 4.25 -13.54
C PHE B 27 -9.55 3.96 -13.04
N GLU B 28 -8.55 4.07 -13.93
CA GLU B 28 -7.14 3.95 -13.52
C GLU B 28 -6.79 4.99 -12.47
N GLU B 29 -7.16 6.25 -12.72
CA GLU B 29 -6.91 7.37 -11.81
C GLU B 29 -7.58 7.08 -10.47
N TYR B 30 -8.83 6.62 -10.48
CA TYR B 30 -9.51 6.31 -9.26
C TYR B 30 -8.74 5.25 -8.48
N ALA B 31 -8.32 4.20 -9.19
CA ALA B 31 -7.65 3.06 -8.58
C ALA B 31 -6.34 3.51 -7.92
N ASP B 32 -5.67 4.47 -8.57
CA ASP B 32 -4.40 5.01 -8.10
C ASP B 32 -4.50 5.80 -6.81
N THR B 33 -5.73 6.17 -6.40
CA THR B 33 -5.95 6.80 -5.12
C THR B 33 -6.11 5.81 -3.97
N PHE B 34 -6.11 4.51 -4.29
CA PHE B 34 -6.12 3.46 -3.28
C PHE B 34 -4.70 2.97 -3.08
N THR B 35 -4.45 2.28 -1.97
CA THR B 35 -3.20 1.50 -1.83
C THR B 35 -3.16 0.41 -2.90
N PRO B 36 -1.95 -0.03 -3.33
CA PRO B 36 -1.85 -1.07 -4.36
C PRO B 36 -2.66 -2.35 -4.08
N ASP B 37 -2.91 -2.61 -2.80
CA ASP B 37 -3.65 -3.74 -2.28
C ASP B 37 -4.94 -3.28 -1.63
N GLY B 38 -5.46 -2.14 -2.07
CA GLY B 38 -6.69 -1.61 -1.52
C GLY B 38 -7.87 -2.57 -1.57
N VAL B 39 -8.70 -2.51 -0.52
CA VAL B 39 -9.95 -3.27 -0.44
C VAL B 39 -11.13 -2.34 -0.78
N PHE B 40 -11.93 -2.74 -1.79
CA PHE B 40 -13.06 -1.98 -2.29
C PHE B 40 -14.28 -2.88 -2.29
N ARG B 41 -15.07 -2.77 -1.21
CA ARG B 41 -16.37 -3.46 -1.07
C ARG B 41 -17.48 -2.47 -1.43
N HIS B 42 -17.81 -2.45 -2.73
CA HIS B 42 -18.76 -1.50 -3.30
C HIS B 42 -20.22 -1.92 -3.05
N THR B 43 -20.48 -3.22 -2.96
CA THR B 43 -21.83 -3.73 -2.87
C THR B 43 -21.98 -4.86 -1.86
N PRO B 44 -22.88 -4.71 -0.86
CA PRO B 44 -23.17 -5.79 0.10
C PRO B 44 -23.52 -7.09 -0.61
N GLY B 45 -23.04 -8.21 -0.07
CA GLY B 45 -23.28 -9.52 -0.65
C GLY B 45 -22.24 -9.92 -1.68
N ARG B 46 -21.62 -8.93 -2.33
CA ARG B 46 -20.50 -9.16 -3.26
C ARG B 46 -19.12 -8.98 -2.60
N ASP B 47 -18.23 -9.91 -2.92
CA ASP B 47 -16.87 -9.91 -2.42
C ASP B 47 -16.13 -8.66 -2.89
N PRO B 48 -15.25 -8.09 -2.03
CA PRO B 48 -14.51 -6.89 -2.42
C PRO B 48 -13.48 -7.16 -3.53
N ALA B 49 -13.27 -6.15 -4.37
CA ALA B 49 -12.11 -6.06 -5.21
C ALA B 49 -10.92 -5.71 -4.28
N ILE B 50 -9.83 -6.46 -4.45
CA ILE B 50 -8.58 -6.28 -3.72
C ILE B 50 -7.49 -5.97 -4.74
N GLY B 51 -6.88 -4.79 -4.62
CA GLY B 51 -5.81 -4.34 -5.48
C GLY B 51 -6.32 -3.49 -6.62
N ARG B 52 -5.41 -2.69 -7.18
CA ARG B 52 -5.74 -1.70 -8.19
C ARG B 52 -6.27 -2.29 -9.48
N GLU B 53 -5.63 -3.38 -9.92
CA GLU B 53 -6.02 -4.10 -11.12
C GLU B 53 -7.45 -4.61 -11.00
N ALA B 54 -7.78 -5.22 -9.85
CA ALA B 54 -9.12 -5.72 -9.57
C ALA B 54 -10.17 -4.61 -9.50
N ILE B 55 -9.78 -3.45 -8.97
CA ILE B 55 -10.71 -2.32 -8.89
C ILE B 55 -11.04 -1.87 -10.32
N VAL B 56 -10.02 -1.72 -11.15
CA VAL B 56 -10.18 -1.28 -12.53
C VAL B 56 -11.01 -2.28 -13.34
N ARG B 57 -10.67 -3.56 -13.22
CA ARG B 57 -11.39 -4.67 -13.84
C ARG B 57 -12.87 -4.68 -13.45
N GLU B 58 -13.12 -4.55 -12.14
CA GLU B 58 -14.45 -4.56 -11.57
C GLU B 58 -15.27 -3.42 -12.13
N LEU B 59 -14.69 -2.21 -12.16
CA LEU B 59 -15.35 -1.03 -12.70
C LEU B 59 -15.67 -1.19 -14.19
N ASN B 60 -14.74 -1.74 -14.97
CA ASN B 60 -14.97 -2.04 -16.38
C ASN B 60 -16.16 -2.98 -16.59
N GLU B 61 -16.18 -4.09 -15.84
CA GLU B 61 -17.25 -5.08 -15.97
C GLU B 61 -18.61 -4.52 -15.57
N PHE B 62 -18.64 -3.68 -14.53
CA PHE B 62 -19.85 -3.00 -14.06
C PHE B 62 -20.36 -1.98 -15.11
N HIS B 63 -19.44 -1.21 -15.71
CA HIS B 63 -19.76 -0.26 -16.77
C HIS B 63 -20.33 -1.00 -18.01
N GLU B 64 -19.81 -2.20 -18.31
CA GLU B 64 -20.28 -3.00 -19.45
C GLU B 64 -21.71 -3.55 -19.27
N ARG B 65 -22.04 -4.01 -18.06
CA ARG B 65 -23.40 -4.50 -17.74
C ARG B 65 -24.45 -3.38 -17.67
N TYR B 66 -24.04 -2.18 -17.22
CA TYR B 66 -24.98 -1.08 -16.93
C TYR B 66 -24.58 0.35 -17.45
N ALA B 67 -23.98 0.44 -18.65
CA ALA B 67 -23.84 1.72 -19.37
C ALA B 67 -23.11 1.55 -20.68
N PRO B 70 -25.42 5.55 -21.60
CA PRO B 70 -25.68 6.98 -21.90
C PRO B 70 -26.15 7.75 -20.64
N VAL B 71 -25.24 7.90 -19.69
CA VAL B 71 -25.56 8.15 -18.35
C VAL B 71 -24.39 8.90 -17.65
N GLN B 72 -24.72 9.80 -16.71
CA GLN B 72 -23.79 10.52 -15.89
C GLN B 72 -24.16 10.37 -14.42
N ARG B 73 -23.24 9.76 -13.66
CA ARG B 73 -23.39 9.49 -12.26
C ARG B 73 -22.56 10.57 -11.52
N ARG B 74 -23.06 11.00 -10.37
CA ARG B 74 -22.36 11.86 -9.43
C ARG B 74 -22.51 11.25 -8.04
N HIS B 75 -21.40 11.17 -7.30
CA HIS B 75 -21.45 10.75 -5.90
C HIS B 75 -21.19 11.96 -5.01
N PHE B 77 -20.74 13.17 -1.09
CA PHE B 77 -20.41 12.82 0.28
C PHE B 77 -20.81 13.93 1.23
N THR B 78 -21.37 13.55 2.38
CA THR B 78 -21.65 14.46 3.46
C THR B 78 -21.42 13.70 4.77
N LEU B 80 -18.96 13.73 7.19
CA LEU B 80 -17.66 13.12 7.44
C LEU B 80 -17.30 13.28 8.92
N ALA B 81 -16.99 12.15 9.57
CA ALA B 81 -16.39 12.12 10.90
C ALA B 81 -15.17 11.22 10.82
N ILE B 82 -14.03 11.71 11.28
CA ILE B 82 -12.79 10.94 11.25
C ILE B 82 -12.35 10.66 12.66
N ASP B 83 -11.45 9.69 12.78
CA ASP B 83 -10.93 9.18 14.06
C ASP B 83 -9.50 8.58 13.86
N GLU B 84 -8.68 8.59 14.92
CA GLU B 84 -7.29 8.02 14.91
C GLU B 84 -7.25 6.48 15.09
N LEU B 85 -6.11 5.87 14.72
CA LEU B 85 -5.88 4.40 14.79
C LEU B 85 -7.04 3.58 14.18
N ASP B 90 -2.83 1.50 13.91
CA ASP B 90 -1.69 1.60 13.01
C ASP B 90 -1.37 3.05 12.60
N SER B 91 -1.86 4.01 13.41
CA SER B 91 -1.86 5.43 13.05
C SER B 91 -2.54 5.79 11.70
N ALA B 92 -3.39 4.88 11.21
CA ALA B 92 -4.21 5.09 10.03
C ALA B 92 -5.39 5.93 10.48
N VAL B 93 -6.08 6.56 9.54
CA VAL B 93 -7.31 7.29 9.88
C VAL B 93 -8.57 6.59 9.34
N GLN B 94 -9.54 6.43 10.23
CA GLN B 94 -10.83 5.90 9.88
C GLN B 94 -11.79 7.06 9.59
N ALA B 95 -12.57 6.91 8.51
CA ALA B 95 -13.47 7.95 8.06
C ALA B 95 -14.86 7.38 7.83
N ASP B 96 -15.82 7.85 8.62
CA ASP B 96 -17.25 7.53 8.48
C ASP B 96 -18.00 8.68 7.84
N PHE B 97 -18.82 8.35 6.85
CA PHE B 97 -19.53 9.34 6.09
C PHE B 97 -20.71 8.75 5.32
N TYR B 98 -21.50 9.65 4.74
CA TYR B 98 -22.68 9.33 3.97
C TYR B 98 -22.42 9.64 2.49
N THR B 99 -22.96 8.79 1.62
CA THR B 99 -22.87 8.95 0.17
C THR B 99 -24.28 8.98 -0.34
N LEU B 100 -24.53 9.91 -1.27
CA LEU B 100 -25.75 9.99 -2.04
C LEU B 100 -25.36 9.85 -3.51
N VAL B 101 -25.89 8.81 -4.17
CA VAL B 101 -25.73 8.62 -5.63
C VAL B 101 -26.80 9.37 -6.42
N LEU B 102 -26.37 10.10 -7.46
CA LEU B 102 -27.25 10.73 -8.43
C LEU B 102 -26.89 10.21 -9.82
N THR B 103 -27.90 9.82 -10.61
CA THR B 103 -27.67 9.33 -11.93
C THR B 103 -28.56 10.10 -12.88
N THR B 104 -27.96 10.81 -13.85
CA THR B 104 -28.70 11.51 -14.87
C THR B 104 -28.66 10.63 -16.13
N ARG B 105 -29.84 10.41 -16.68
CA ARG B 105 -30.04 9.72 -17.92
C ARG B 105 -30.96 10.53 -18.78
N VAL B 106 -31.08 10.13 -20.04
CA VAL B 106 -31.87 10.85 -21.01
C VAL B 106 -33.33 11.03 -20.58
N ASP B 107 -33.88 10.06 -19.85
CA ASP B 107 -35.25 10.16 -19.34
C ASP B 107 -35.39 10.75 -17.93
N GLY B 108 -34.28 11.10 -17.30
CA GLY B 108 -34.37 11.81 -16.05
C GLY B 108 -33.28 11.51 -15.06
N LEU B 109 -33.44 12.09 -13.87
CA LEU B 109 -32.51 11.97 -12.77
C LEU B 109 -33.08 10.99 -11.75
N THR B 110 -32.20 10.15 -11.22
CA THR B 110 -32.52 9.16 -10.21
C THR B 110 -31.72 9.62 -9.02
N VAL B 111 -32.31 9.50 -7.85
CA VAL B 111 -31.64 9.84 -6.61
C VAL B 111 -31.64 8.58 -5.76
N GLY B 112 -30.46 8.24 -5.24
CA GLY B 112 -30.33 7.09 -4.40
C GLY B 112 -29.54 6.02 -5.11
N PRO B 113 -29.07 4.97 -4.40
CA PRO B 113 -29.31 4.84 -2.96
C PRO B 113 -28.46 5.78 -2.10
N SER B 114 -28.79 5.86 -0.82
CA SER B 114 -27.93 6.44 0.19
C SER B 114 -27.15 5.30 0.82
N CYS B 115 -25.86 5.54 1.03
CA CYS B 115 -24.90 4.54 1.46
C CYS B 115 -24.00 5.07 2.58
N PRO B 116 -24.14 4.56 3.83
CA PRO B 116 -23.10 4.81 4.84
C PRO B 116 -21.83 4.10 4.39
N VAL B 117 -20.68 4.79 4.50
CA VAL B 117 -19.40 4.22 4.11
C VAL B 117 -18.36 4.43 5.21
N ARG B 118 -17.50 3.43 5.37
CA ARG B 118 -16.27 3.57 6.14
C ARG B 118 -15.04 3.42 5.25
N ASP B 119 -14.16 4.43 5.27
CA ASP B 119 -12.83 4.43 4.64
C ASP B 119 -11.77 4.30 5.69
N VAL B 120 -10.69 3.62 5.35
CA VAL B 120 -9.47 3.62 6.15
C VAL B 120 -8.42 4.21 5.23
N LEU B 121 -7.77 5.27 5.72
CA LEU B 121 -6.84 6.04 4.94
C LEU B 121 -5.46 5.98 5.59
N VAL B 122 -4.44 5.87 4.73
CA VAL B 122 -3.04 5.90 5.11
C VAL B 122 -2.30 6.84 4.17
N ARG B 123 -0.99 6.99 4.36
CA ARG B 123 -0.15 7.83 3.51
C ARG B 123 0.80 7.03 2.66
N GLY B 124 0.93 7.43 1.40
CA GLY B 124 1.91 6.88 0.48
C GLY B 124 3.27 7.56 0.65
N ALA B 125 4.27 7.06 -0.09
CA ALA B 125 5.66 7.48 0.05
C ALA B 125 5.94 8.99 -0.07
N ASP B 126 5.13 9.70 -0.85
CA ASP B 126 5.22 11.17 -1.00
C ASP B 126 4.35 11.94 -0.01
N GLY B 127 3.70 11.25 0.93
CA GLY B 127 2.87 11.90 1.94
C GLY B 127 1.41 12.11 1.60
N ARG B 128 1.02 11.82 0.36
CA ARG B 128 -0.37 11.90 -0.06
C ARG B 128 -1.19 10.76 0.52
N LEU B 129 -2.49 11.01 0.70
CA LEU B 129 -3.41 10.05 1.26
C LEU B 129 -3.71 9.00 0.21
N LEU B 130 -3.84 7.76 0.66
CA LEU B 130 -4.36 6.67 -0.12
C LEU B 130 -5.41 5.96 0.70
N THR B 131 -6.40 5.42 -0.01
CA THR B 131 -7.50 4.65 0.57
C THR B 131 -7.06 3.21 0.65
N ALA B 132 -6.85 2.71 1.87
CA ALA B 132 -6.47 1.30 2.10
C ALA B 132 -7.70 0.40 2.00
N SER B 133 -8.86 0.95 2.35
CA SER B 133 -10.09 0.19 2.48
C SER B 133 -11.30 1.13 2.31
N ARG B 134 -12.32 0.66 1.57
CA ARG B 134 -13.56 1.37 1.42
C ARG B 134 -14.66 0.34 1.57
N TRP B 135 -15.47 0.51 2.62
CA TRP B 135 -16.47 -0.44 2.98
C TRP B 135 -17.84 0.24 2.87
N VAL B 136 -18.61 -0.13 1.82
CA VAL B 136 -19.87 0.49 1.46
C VAL B 136 -21.01 -0.38 1.94
N GLU B 137 -21.91 0.20 2.71
CA GLU B 137 -23.23 -0.37 3.00
C GLU B 137 -24.31 0.38 2.18
N HIS B 138 -25.44 -0.29 1.87
CA HIS B 138 -26.57 0.33 1.14
C HIS B 138 -27.79 0.34 2.05
N ASP B 139 -28.41 1.52 2.21
CA ASP B 139 -29.57 1.65 3.09
C ASP B 139 -30.79 0.84 2.66
N ASN B 140 -30.94 0.57 1.36
CA ASN B 140 -31.97 -0.42 0.86
C ASN B 140 -31.80 -1.80 1.46
N ARG B 141 -30.55 -2.27 1.47
CA ARG B 141 -30.21 -3.59 1.98
C ARG B 141 -30.49 -3.66 3.49
N THR B 142 -30.10 -2.62 4.21
CA THR B 142 -30.40 -2.47 5.63
C THR B 142 -31.90 -2.53 5.93
N VAL B 143 -32.69 -1.75 5.18
CA VAL B 143 -34.12 -1.70 5.38
C VAL B 143 -34.70 -3.06 5.01
N ALA B 144 -34.26 -3.64 3.88
CA ALA B 144 -34.79 -4.96 3.44
C ALA B 144 -34.45 -6.04 4.48
N GLU B 145 -33.45 -5.76 5.34
CA GLU B 145 -33.05 -6.51 6.54
C GLU B 145 -32.32 -7.79 6.18
#